data_1LLC
#
_entry.id   1LLC
#
_cell.length_a   169.200
_cell.length_b   85.380
_cell.length_c   180.180
_cell.angle_alpha   90.00
_cell.angle_beta   91.30
_cell.angle_gamma   90.00
#
_symmetry.space_group_name_H-M   'C 1 2 1'
#
loop_
_entity.id
_entity.type
_entity.pdbx_description
1 polymer 'L-LACTATE DEHYDROGENASE'
2 non-polymer 1,6-di-O-phosphono-alpha-D-fructofuranose
3 non-polymer 'SULFATE ION'
#
_entity_poly.entity_id   1
_entity_poly.type   'polypeptide(L)'
_entity_poly.pdbx_seq_one_letter_code
;ASITDKDHQKVILVGDGAVGSSYAFAMVLQGIAQEIGIVDIFKDKTKGDAIDLSNALPFTSPKKIYSAEYSDAKDADLVV
ITAGAPKQPGETRLDLVNKNLKILKSIVDPIVDSGFNLIFLVAANPVDILTYATWKLSGFPKNRVVGSGTSLDTARFRQS
IAEMVNVDARSVHAYIMGEHGDTEFPVWSHANIGGVTIAEWVKAHPEIKEDKLVKMFEDVRDAAYEIIKLKGATFYGIAT
ALARISKAILNDENAVLPLSVYMDGQYGINDLYIGTPAVINRNGIQNILEIPLTDHEEESMQKSASQLKKVLTDAFAKND
IETRQ
;
_entity_poly.pdbx_strand_id   A
#
# COMPACT_ATOMS: atom_id res chain seq x y z
N ALA A 1 27.86 12.08 -26.28
CA ALA A 1 27.79 12.01 -24.81
C ALA A 1 28.12 10.61 -24.29
N SER A 2 29.01 10.59 -23.33
CA SER A 2 29.86 9.43 -23.06
C SER A 2 29.38 8.45 -22.00
N ILE A 3 30.37 8.08 -21.20
CA ILE A 3 30.42 6.95 -20.26
C ILE A 3 29.34 6.96 -19.17
N THR A 4 28.79 5.77 -19.11
CA THR A 4 27.36 5.42 -18.99
C THR A 4 26.86 4.99 -17.61
N ASP A 5 25.54 5.04 -17.56
CA ASP A 5 24.57 4.20 -16.82
C ASP A 5 23.12 4.66 -16.96
N LYS A 6 22.67 4.63 -18.21
CA LYS A 6 21.31 4.94 -18.66
C LYS A 6 20.29 4.18 -17.83
N ASP A 7 19.72 4.91 -16.91
CA ASP A 7 18.63 4.47 -16.07
C ASP A 7 17.49 5.47 -16.19
N HIS A 8 17.62 6.48 -15.35
CA HIS A 8 16.66 7.56 -15.12
C HIS A 8 15.29 7.15 -14.60
N GLN A 9 15.36 5.95 -14.05
CA GLN A 9 14.45 5.39 -13.06
C GLN A 9 15.17 4.44 -12.12
N LYS A 10 14.83 4.48 -10.87
CA LYS A 10 15.36 3.46 -9.96
C LYS A 10 14.42 3.08 -8.84
N VAL A 11 14.38 1.82 -8.56
CA VAL A 11 13.48 1.26 -7.56
C VAL A 11 14.22 0.29 -6.66
N ILE A 12 14.04 0.43 -5.38
CA ILE A 12 14.71 -0.46 -4.44
C ILE A 12 13.73 -1.26 -3.59
N LEU A 13 13.80 -2.55 -3.78
CA LEU A 13 12.97 -3.49 -3.06
C LEU A 13 13.68 -3.94 -1.79
N VAL A 14 12.98 -3.89 -0.69
CA VAL A 14 13.57 -4.17 0.62
C VAL A 14 13.00 -5.46 1.23
N GLY A 15 12.40 -6.26 0.37
CA GLY A 15 12.05 -7.62 0.76
C GLY A 15 11.91 -8.60 -0.40
N ASP A 16 13.00 -9.27 -0.77
CA ASP A 16 12.92 -10.39 -1.72
C ASP A 16 12.50 -11.70 -1.05
N GLY A 17 11.47 -11.54 -0.27
CA GLY A 17 10.58 -12.61 0.15
C GLY A 17 9.41 -12.66 -0.83
N ALA A 18 8.27 -13.13 -0.36
CA ALA A 18 7.05 -13.30 -1.17
C ALA A 18 6.59 -12.07 -1.94
N VAL A 19 5.99 -11.14 -1.20
CA VAL A 19 5.41 -9.91 -1.76
C VAL A 19 6.37 -9.20 -2.70
N GLY A 20 7.62 -9.23 -2.30
CA GLY A 20 8.69 -8.55 -3.02
C GLY A 20 9.02 -9.24 -4.33
N SER A 21 9.22 -10.54 -4.27
CA SER A 21 9.50 -11.36 -5.46
C SER A 21 8.42 -11.19 -6.52
N SER A 22 7.24 -10.90 -6.04
CA SER A 22 6.09 -10.72 -6.92
C SER A 22 5.99 -9.32 -7.49
N TYR A 23 6.21 -8.35 -6.61
CA TYR A 23 6.29 -6.92 -6.97
C TYR A 23 7.30 -6.80 -8.11
N ALA A 24 8.36 -7.54 -7.91
CA ALA A 24 9.46 -7.67 -8.84
C ALA A 24 9.01 -8.21 -10.20
N PHE A 25 8.43 -9.40 -10.20
CA PHE A 25 7.95 -10.09 -11.41
C PHE A 25 7.03 -9.20 -12.26
N ALA A 26 6.17 -8.48 -11.56
CA ALA A 26 5.26 -7.54 -12.19
C ALA A 26 5.99 -6.37 -12.82
N MET A 27 6.87 -5.80 -12.03
CA MET A 27 7.64 -4.61 -12.43
C MET A 27 8.52 -4.91 -13.64
N VAL A 28 8.81 -6.19 -13.79
CA VAL A 28 9.53 -6.78 -14.93
C VAL A 28 8.69 -6.92 -16.19
N LEU A 29 7.41 -7.23 -16.03
CA LEU A 29 6.51 -7.50 -17.17
C LEU A 29 5.64 -6.33 -17.59
N GLN A 30 5.15 -5.61 -16.60
CA GLN A 30 4.33 -4.42 -16.80
C GLN A 30 5.23 -3.29 -17.29
N GLY A 31 6.50 -3.47 -16.97
CA GLY A 31 7.63 -2.75 -17.58
C GLY A 31 7.89 -1.36 -17.01
N ILE A 32 7.87 -1.26 -15.70
CA ILE A 32 7.90 0.04 -15.02
C ILE A 32 9.21 0.33 -14.27
N ALA A 33 10.27 -0.31 -14.70
CA ALA A 33 11.56 -0.20 -14.01
C ALA A 33 12.77 -0.34 -14.92
N GLN A 34 13.73 0.53 -14.66
CA GLN A 34 14.87 0.77 -15.55
C GLN A 34 16.20 0.40 -14.91
N GLU A 35 16.07 -0.17 -13.72
CA GLU A 35 17.05 -0.86 -12.85
C GLU A 35 16.47 -1.05 -11.46
N ILE A 36 16.41 -2.30 -11.07
CA ILE A 36 15.80 -2.76 -9.82
C ILE A 36 16.84 -3.40 -8.90
N GLY A 37 16.85 -2.95 -7.67
CA GLY A 37 17.77 -3.45 -6.65
C GLY A 37 17.04 -4.23 -5.56
N ILE A 38 17.47 -5.45 -5.34
CA ILE A 38 16.71 -6.28 -4.42
C ILE A 38 17.40 -6.65 -3.11
N VAL A 39 16.81 -6.25 -2.01
CA VAL A 39 17.33 -6.54 -0.68
C VAL A 39 16.38 -7.43 0.13
N ASP A 40 16.96 -8.01 1.15
CA ASP A 40 16.44 -8.59 2.38
C ASP A 40 17.53 -9.46 2.97
N ILE A 41 17.73 -9.32 4.28
CA ILE A 41 18.82 -9.78 5.17
C ILE A 41 19.55 -11.07 4.83
N PHE A 42 19.00 -11.82 3.91
CA PHE A 42 19.65 -12.95 3.24
C PHE A 42 20.57 -12.39 2.16
N LYS A 43 20.96 -13.22 1.22
CA LYS A 43 21.69 -12.81 0.00
C LYS A 43 21.49 -13.89 -1.05
N ASP A 44 21.27 -15.08 -0.53
CA ASP A 44 21.05 -16.30 -1.30
C ASP A 44 19.78 -16.29 -2.15
N LYS A 45 18.67 -16.05 -1.50
CA LYS A 45 17.36 -15.91 -2.14
C LYS A 45 17.34 -14.75 -3.13
N THR A 46 18.32 -13.88 -2.99
CA THR A 46 18.38 -12.71 -3.86
C THR A 46 19.28 -12.87 -5.08
N LYS A 47 20.30 -13.70 -4.96
CA LYS A 47 21.08 -13.98 -6.16
C LYS A 47 20.32 -14.97 -7.06
N GLY A 48 19.50 -15.75 -6.37
CA GLY A 48 18.52 -16.65 -6.97
C GLY A 48 17.39 -15.93 -7.70
N ASP A 49 16.66 -15.12 -6.97
CA ASP A 49 15.48 -14.43 -7.51
C ASP A 49 15.86 -13.45 -8.61
N ALA A 50 17.13 -13.09 -8.62
CA ALA A 50 17.67 -12.25 -9.68
C ALA A 50 18.00 -13.06 -10.94
N ILE A 51 18.78 -14.11 -10.79
CA ILE A 51 19.16 -14.93 -11.94
C ILE A 51 17.99 -15.73 -12.53
N ASP A 52 16.84 -15.50 -11.94
CA ASP A 52 15.54 -15.87 -12.50
C ASP A 52 14.86 -14.72 -13.23
N LEU A 53 14.64 -13.66 -12.48
CA LEU A 53 13.94 -12.46 -12.96
C LEU A 53 14.64 -11.87 -14.18
N SER A 54 15.94 -11.93 -14.13
CA SER A 54 16.82 -11.37 -15.14
C SER A 54 16.95 -12.29 -16.35
N ASN A 55 16.59 -13.54 -16.12
CA ASN A 55 16.39 -14.49 -17.22
C ASN A 55 15.08 -14.19 -17.91
N ALA A 56 14.17 -13.68 -17.11
CA ALA A 56 12.80 -13.43 -17.56
C ALA A 56 12.70 -12.07 -18.23
N LEU A 57 13.69 -11.82 -19.07
CA LEU A 57 13.86 -10.57 -19.81
C LEU A 57 13.78 -10.62 -21.34
N PRO A 58 14.27 -11.59 -22.09
CA PRO A 58 14.05 -11.57 -23.55
C PRO A 58 12.59 -11.54 -23.98
N PHE A 59 11.69 -11.77 -23.03
CA PHE A 59 10.26 -11.56 -23.27
C PHE A 59 9.72 -10.29 -22.59
N THR A 60 10.64 -9.38 -22.19
CA THR A 60 10.30 -8.08 -21.58
C THR A 60 11.28 -6.90 -21.66
N SER A 61 10.74 -5.71 -21.43
CA SER A 61 11.50 -4.45 -21.35
C SER A 61 12.67 -4.48 -20.38
N PRO A 62 13.86 -4.40 -20.95
CA PRO A 62 15.15 -4.64 -20.28
C PRO A 62 15.46 -3.71 -19.12
N LYS A 63 16.23 -4.24 -18.21
CA LYS A 63 16.87 -3.49 -17.12
C LYS A 63 18.10 -4.20 -16.58
N LYS A 64 18.36 -3.92 -15.33
CA LYS A 64 19.29 -4.70 -14.54
C LYS A 64 18.82 -4.84 -13.09
N ILE A 65 18.83 -6.08 -12.69
CA ILE A 65 18.40 -6.54 -11.37
C ILE A 65 19.60 -7.17 -10.67
N TYR A 66 19.85 -6.77 -9.45
CA TYR A 66 20.98 -7.29 -8.68
C TYR A 66 20.60 -7.85 -7.31
N SER A 67 21.39 -7.44 -6.34
CA SER A 67 21.22 -7.61 -4.90
C SER A 67 22.03 -6.52 -4.21
N ALA A 68 21.53 -6.00 -3.13
CA ALA A 68 21.85 -4.60 -2.88
C ALA A 68 22.85 -4.20 -1.79
N GLU A 69 22.34 -4.31 -0.57
CA GLU A 69 22.49 -3.33 0.51
C GLU A 69 22.16 -1.89 0.10
N TYR A 70 22.74 -1.00 0.88
CA TYR A 70 22.21 0.35 1.05
C TYR A 70 23.26 1.39 0.67
N SER A 71 24.09 0.99 -0.27
CA SER A 71 25.08 1.85 -0.94
C SER A 71 24.61 2.17 -2.34
N ASP A 72 24.41 1.08 -3.05
CA ASP A 72 23.42 0.96 -4.11
C ASP A 72 22.05 1.09 -3.46
N ALA A 73 21.62 2.33 -3.32
CA ALA A 73 20.47 2.73 -2.49
C ALA A 73 20.04 4.17 -2.73
N LYS A 74 21.02 4.99 -3.00
CA LYS A 74 20.68 6.19 -3.77
C LYS A 74 20.71 5.84 -5.26
N ASP A 75 20.69 6.87 -6.07
CA ASP A 75 20.31 6.94 -7.48
C ASP A 75 18.85 6.58 -7.69
N ALA A 76 18.18 6.20 -6.61
CA ALA A 76 16.80 5.71 -6.67
C ALA A 76 15.78 6.77 -7.09
N ASP A 77 14.62 6.30 -7.58
CA ASP A 77 13.40 7.08 -7.87
C ASP A 77 12.18 6.59 -7.07
N LEU A 78 12.33 5.41 -6.53
CA LEU A 78 11.39 4.90 -5.55
C LEU A 78 12.03 3.90 -4.58
N VAL A 79 11.60 3.91 -3.33
CA VAL A 79 11.92 2.77 -2.47
C VAL A 79 10.70 2.04 -1.91
N VAL A 80 10.76 0.71 -2.17
CA VAL A 80 9.60 -0.04 -1.68
C VAL A 80 9.95 -1.00 -0.55
N ILE A 81 9.52 -0.64 0.65
CA ILE A 81 9.81 -1.48 1.80
C ILE A 81 8.71 -2.52 1.99
N THR A 82 8.73 -3.45 1.05
CA THR A 82 7.69 -4.46 0.87
C THR A 82 7.85 -5.63 1.84
N ALA A 83 7.00 -5.64 2.82
CA ALA A 83 7.06 -6.58 3.94
C ALA A 83 8.45 -6.63 4.57
N GLY A 84 8.84 -5.46 5.00
CA GLY A 84 9.84 -5.30 6.06
C GLY A 84 9.14 -5.62 7.37
N ALA A 85 8.79 -6.89 7.44
CA ALA A 85 7.69 -7.36 8.27
C ALA A 85 8.00 -8.49 9.25
N PRO A 86 7.65 -8.13 10.46
CA PRO A 86 7.38 -9.01 11.61
C PRO A 86 6.21 -9.98 11.44
N LYS A 87 5.94 -10.72 12.52
CA LYS A 87 5.12 -11.93 12.50
C LYS A 87 3.68 -11.90 13.01
N GLN A 88 3.34 -11.04 13.96
CA GLN A 88 1.91 -10.97 14.33
C GLN A 88 1.15 -10.18 13.27
N PRO A 89 0.13 -10.88 12.69
CA PRO A 89 -0.42 -10.77 11.31
C PRO A 89 -0.73 -9.38 10.76
N GLY A 90 -1.68 -8.73 11.39
CA GLY A 90 -2.41 -7.59 10.82
C GLY A 90 -3.81 -7.60 11.39
N GLU A 91 -4.46 -6.43 11.28
CA GLU A 91 -5.50 -5.86 12.15
C GLU A 91 -4.74 -5.04 13.15
N THR A 92 -4.67 -3.75 12.89
CA THR A 92 -3.73 -2.91 13.64
C THR A 92 -3.89 -3.09 15.14
N ARG A 93 -2.99 -3.95 15.57
CA ARG A 93 -2.93 -4.61 16.87
C ARG A 93 -2.27 -3.63 17.82
N LEU A 94 -1.55 -4.07 18.80
CA LEU A 94 -0.88 -3.08 19.63
C LEU A 94 0.65 -3.17 19.58
N ASP A 95 1.17 -4.12 20.30
CA ASP A 95 2.61 -4.33 20.40
C ASP A 95 3.32 -4.78 19.12
N LEU A 96 2.54 -4.98 18.05
CA LEU A 96 3.10 -5.31 16.71
C LEU A 96 4.08 -4.25 16.28
N VAL A 97 3.61 -3.05 16.54
CA VAL A 97 4.29 -1.79 16.29
C VAL A 97 5.63 -1.70 16.98
N ASN A 98 5.88 -2.66 17.86
CA ASN A 98 7.22 -2.84 18.43
C ASN A 98 8.13 -3.77 17.62
N LYS A 99 7.72 -5.02 17.41
CA LYS A 99 8.59 -6.04 16.78
C LYS A 99 9.08 -5.67 15.38
N ASN A 100 8.41 -4.69 14.80
CA ASN A 100 8.83 -4.09 13.53
C ASN A 100 9.87 -3.02 13.74
N LEU A 101 9.49 -2.18 14.67
CA LEU A 101 9.96 -0.80 14.74
C LEU A 101 11.47 -0.70 14.94
N LYS A 102 12.05 -1.86 15.11
CA LYS A 102 13.50 -1.99 15.08
C LYS A 102 14.02 -2.65 13.81
N ILE A 103 13.18 -3.46 13.18
CA ILE A 103 13.47 -3.85 11.79
C ILE A 103 12.88 -2.87 10.78
N LEU A 104 12.60 -1.70 11.29
CA LEU A 104 12.18 -0.56 10.49
C LEU A 104 13.20 0.54 10.70
N LYS A 105 14.04 0.30 11.66
CA LYS A 105 15.16 1.20 11.87
C LYS A 105 16.39 0.66 11.17
N SER A 106 16.56 -0.64 11.35
CA SER A 106 17.66 -1.45 10.81
C SER A 106 17.70 -1.34 9.30
N ILE A 107 16.62 -0.84 8.74
CA ILE A 107 16.54 -0.64 7.31
C ILE A 107 16.10 0.76 6.87
N VAL A 108 15.67 1.63 7.77
CA VAL A 108 15.34 3.00 7.31
C VAL A 108 16.51 3.97 7.40
N ASP A 109 17.34 3.77 8.40
CA ASP A 109 18.52 4.62 8.53
C ASP A 109 19.55 4.57 7.41
N PRO A 110 20.09 3.42 7.03
CA PRO A 110 20.98 3.31 5.86
C PRO A 110 20.38 3.50 4.47
N ILE A 111 19.08 3.64 4.31
CA ILE A 111 18.63 4.03 2.95
C ILE A 111 18.45 5.54 2.89
N VAL A 112 18.78 6.14 4.02
CA VAL A 112 18.82 7.60 4.20
C VAL A 112 20.21 8.24 4.12
N ASP A 113 21.23 7.57 4.62
CA ASP A 113 22.54 8.22 4.73
C ASP A 113 23.22 8.41 3.37
N SER A 114 22.94 7.47 2.50
CA SER A 114 23.50 7.45 1.16
C SER A 114 23.00 8.61 0.33
N GLY A 115 21.80 9.04 0.65
CA GLY A 115 21.24 10.20 -0.04
C GLY A 115 19.98 9.88 -0.83
N PHE A 116 19.08 9.25 -0.14
CA PHE A 116 17.67 9.21 -0.52
C PHE A 116 17.08 10.61 -0.67
N ASN A 117 16.14 10.74 -1.58
CA ASN A 117 15.51 12.01 -1.98
C ASN A 117 14.20 11.82 -2.76
N LEU A 118 13.45 10.81 -2.38
CA LEU A 118 12.32 10.27 -3.17
C LEU A 118 11.09 10.03 -2.30
N ILE A 119 10.29 9.13 -2.86
CA ILE A 119 9.15 8.48 -2.19
C ILE A 119 9.47 7.09 -1.66
N PHE A 120 9.30 6.97 -0.34
CA PHE A 120 9.09 5.70 0.38
C PHE A 120 7.70 5.15 0.09
N LEU A 121 7.59 3.85 -0.01
CA LEU A 121 6.31 3.20 -0.29
C LEU A 121 6.11 1.93 0.54
N VAL A 122 5.84 2.15 1.82
CA VAL A 122 5.82 1.04 2.77
C VAL A 122 4.54 0.21 2.80
N ALA A 123 4.65 -0.97 2.25
CA ALA A 123 3.61 -1.99 2.31
C ALA A 123 4.08 -3.21 3.09
N ALA A 124 4.00 -2.99 4.39
CA ALA A 124 4.62 -3.71 5.50
C ALA A 124 3.78 -3.54 6.76
N ASN A 125 2.96 -4.52 7.06
CA ASN A 125 1.86 -4.42 8.03
C ASN A 125 2.27 -4.42 9.50
N PRO A 126 1.53 -3.73 10.37
CA PRO A 126 0.41 -2.81 10.08
C PRO A 126 0.83 -1.53 9.36
N VAL A 127 0.15 -1.21 8.28
CA VAL A 127 0.56 -0.12 7.39
C VAL A 127 0.45 1.30 7.95
N ASP A 128 -0.74 1.68 8.37
CA ASP A 128 -1.04 3.05 8.81
C ASP A 128 -0.07 3.55 9.87
N ILE A 129 0.07 2.71 10.86
CA ILE A 129 1.04 2.88 11.95
C ILE A 129 2.43 3.08 11.39
N LEU A 130 2.68 2.34 10.36
CA LEU A 130 4.04 2.12 9.92
C LEU A 130 4.56 3.31 9.16
N THR A 131 3.68 3.92 8.43
CA THR A 131 4.16 4.95 7.53
C THR A 131 4.35 6.26 8.28
N TYR A 132 3.66 6.36 9.41
CA TYR A 132 3.96 7.39 10.41
C TYR A 132 5.33 7.08 11.00
N ALA A 133 5.58 5.80 11.19
CA ALA A 133 6.87 5.33 11.69
C ALA A 133 7.99 5.65 10.74
N THR A 134 7.71 5.35 9.49
CA THR A 134 8.68 5.48 8.43
C THR A 134 8.95 6.95 8.13
N TRP A 135 7.95 7.76 8.47
CA TRP A 135 8.01 9.24 8.42
C TRP A 135 8.95 9.81 9.47
N LYS A 136 8.65 9.49 10.70
CA LYS A 136 9.33 10.12 11.83
C LYS A 136 10.84 9.87 11.90
N LEU A 137 11.25 8.75 11.35
CA LEU A 137 12.68 8.42 11.35
C LEU A 137 13.39 9.09 10.19
N SER A 138 12.66 9.20 9.11
CA SER A 138 13.24 9.63 7.85
C SER A 138 13.46 11.14 7.81
N GLY A 139 12.55 11.86 8.42
CA GLY A 139 12.61 13.32 8.42
C GLY A 139 11.95 13.89 7.16
N PHE A 140 12.03 13.05 6.13
CA PHE A 140 11.29 13.09 4.85
C PHE A 140 9.84 13.50 5.08
N PRO A 141 9.43 14.51 4.34
CA PRO A 141 8.14 15.23 4.47
C PRO A 141 6.87 14.41 4.27
N LYS A 142 5.78 15.06 4.63
CA LYS A 142 4.39 14.57 4.71
C LYS A 142 3.82 14.04 3.40
N ASN A 143 4.66 14.14 2.40
CA ASN A 143 4.57 13.30 1.20
C ASN A 143 5.86 13.13 0.43
N ARG A 144 6.26 11.90 0.53
CA ARG A 144 7.40 11.16 0.00
C ARG A 144 7.42 9.87 0.81
N VAL A 145 6.83 10.00 1.95
CA VAL A 145 6.33 8.81 2.65
C VAL A 145 4.90 8.45 2.22
N VAL A 146 4.80 7.73 1.12
CA VAL A 146 3.49 7.17 0.75
C VAL A 146 3.23 5.89 1.51
N GLY A 147 2.01 5.71 1.96
CA GLY A 147 1.68 4.52 2.74
C GLY A 147 1.37 3.33 1.84
N SER A 148 0.17 2.81 1.97
CA SER A 148 -0.35 1.76 1.11
C SER A 148 -1.82 1.51 1.38
N GLY A 149 -2.01 0.65 2.35
CA GLY A 149 -3.30 0.25 2.93
C GLY A 149 -4.38 0.05 1.88
N THR A 150 -5.46 0.75 2.15
CA THR A 150 -6.75 0.81 1.46
C THR A 150 -6.86 0.15 0.10
N SER A 151 -5.92 0.43 -0.81
CA SER A 151 -5.77 -0.19 -2.14
C SER A 151 -6.25 -1.63 -2.24
N LEU A 152 -5.75 -2.49 -1.37
CA LEU A 152 -6.09 -3.92 -1.45
C LEU A 152 -7.34 -4.30 -0.66
N ASP A 153 -8.02 -3.32 -0.17
CA ASP A 153 -9.33 -3.65 0.38
C ASP A 153 -10.45 -3.14 -0.51
N THR A 154 -10.13 -2.11 -1.29
CA THR A 154 -11.09 -1.64 -2.28
C THR A 154 -11.16 -2.53 -3.51
N ALA A 155 -10.00 -3.03 -3.92
CA ALA A 155 -9.85 -3.88 -5.11
C ALA A 155 -10.65 -5.18 -4.95
N ARG A 156 -10.75 -5.58 -3.72
CA ARG A 156 -11.53 -6.74 -3.34
C ARG A 156 -13.01 -6.43 -3.43
N PHE A 157 -13.37 -5.42 -2.68
CA PHE A 157 -14.72 -4.87 -2.56
C PHE A 157 -15.38 -4.74 -3.93
N ARG A 158 -14.67 -4.03 -4.79
CA ARG A 158 -14.98 -3.85 -6.21
C ARG A 158 -15.34 -5.17 -6.88
N GLN A 159 -14.48 -6.15 -6.65
CA GLN A 159 -14.68 -7.48 -7.24
C GLN A 159 -15.43 -8.49 -6.37
N SER A 160 -16.37 -7.93 -5.64
CA SER A 160 -17.53 -8.69 -5.19
C SER A 160 -18.84 -8.00 -5.56
N ILE A 161 -18.73 -6.69 -5.81
CA ILE A 161 -19.80 -5.78 -6.27
C ILE A 161 -20.03 -6.01 -7.75
N ALA A 162 -18.90 -6.45 -8.27
CA ALA A 162 -18.59 -7.15 -9.52
C ALA A 162 -19.44 -8.40 -9.67
N GLU A 163 -18.80 -9.55 -9.62
CA GLU A 163 -19.34 -10.92 -9.80
C GLU A 163 -20.82 -11.16 -9.48
N MET A 164 -21.32 -10.41 -8.52
CA MET A 164 -22.76 -10.21 -8.21
C MET A 164 -23.60 -9.83 -9.45
N VAL A 165 -23.11 -8.83 -10.15
CA VAL A 165 -23.54 -8.25 -11.43
C VAL A 165 -22.59 -8.74 -12.54
N ASN A 166 -22.46 -8.08 -13.65
CA ASN A 166 -21.62 -8.65 -14.69
C ASN A 166 -20.41 -7.80 -15.01
N VAL A 167 -20.64 -6.53 -14.81
CA VAL A 167 -19.71 -5.45 -15.10
C VAL A 167 -18.32 -5.78 -14.62
N ASP A 168 -17.42 -5.71 -15.57
CA ASP A 168 -15.97 -5.70 -15.45
C ASP A 168 -15.55 -4.85 -14.25
N ALA A 169 -14.39 -5.16 -13.67
CA ALA A 169 -13.69 -4.28 -12.72
C ALA A 169 -13.20 -3.06 -13.50
N ARG A 170 -12.54 -2.07 -12.95
CA ARG A 170 -12.13 -0.91 -13.79
C ARG A 170 -13.29 -0.08 -14.34
N SER A 171 -14.52 -0.58 -14.18
CA SER A 171 -15.74 0.18 -14.35
C SER A 171 -16.14 0.64 -12.95
N VAL A 172 -16.96 -0.21 -12.39
CA VAL A 172 -17.23 -0.45 -10.94
C VAL A 172 -16.37 0.33 -9.95
N HIS A 173 -17.00 1.30 -9.33
CA HIS A 173 -16.36 2.15 -8.33
C HIS A 173 -16.99 1.99 -6.95
N ALA A 174 -16.14 2.14 -5.97
CA ALA A 174 -16.42 2.19 -4.54
C ALA A 174 -15.15 1.97 -3.76
N TYR A 175 -15.08 2.60 -2.62
CA TYR A 175 -13.86 2.54 -1.81
C TYR A 175 -14.04 1.78 -0.52
N ILE A 176 -12.94 1.74 0.14
CA ILE A 176 -12.84 1.39 1.53
C ILE A 176 -11.96 2.43 2.20
N MET A 177 -12.22 2.72 3.44
CA MET A 177 -11.43 3.74 4.12
C MET A 177 -11.00 3.25 5.48
N GLY A 178 -10.34 4.12 6.19
CA GLY A 178 -9.86 3.76 7.50
C GLY A 178 -8.51 3.08 7.36
N GLU A 179 -8.39 1.94 7.94
CA GLU A 179 -7.12 1.24 7.83
C GLU A 179 -7.19 0.02 6.95
N HIS A 180 -6.96 -1.08 7.62
CA HIS A 180 -6.74 -2.38 7.01
C HIS A 180 -7.24 -3.51 7.89
N GLY A 181 -8.51 -3.82 7.72
CA GLY A 181 -9.19 -4.76 8.60
C GLY A 181 -9.75 -4.06 9.84
N ASP A 182 -10.66 -4.78 10.47
CA ASP A 182 -11.22 -4.54 11.80
C ASP A 182 -11.68 -3.13 12.15
N THR A 183 -11.68 -2.27 11.18
CA THR A 183 -12.10 -0.89 11.40
C THR A 183 -12.96 -0.42 10.25
N GLU A 184 -12.59 -0.95 9.11
CA GLU A 184 -13.04 -0.52 7.79
C GLU A 184 -14.53 -0.31 7.64
N PHE A 185 -14.78 0.63 6.80
CA PHE A 185 -16.12 0.96 6.41
C PHE A 185 -16.16 1.34 4.93
N PRO A 186 -16.89 0.54 4.20
CA PRO A 186 -17.09 0.76 2.77
C PRO A 186 -17.90 2.03 2.58
N VAL A 187 -17.38 2.91 1.76
CA VAL A 187 -18.16 4.08 1.37
C VAL A 187 -19.19 3.70 0.32
N TRP A 188 -20.24 3.06 0.82
CA TRP A 188 -21.37 2.60 0.01
C TRP A 188 -22.12 3.81 -0.52
N SER A 189 -21.94 4.92 0.16
CA SER A 189 -22.64 6.16 -0.15
C SER A 189 -22.17 6.78 -1.45
N HIS A 190 -20.97 6.39 -1.83
CA HIS A 190 -20.42 6.66 -3.16
C HIS A 190 -20.92 5.60 -4.13
N ALA A 191 -20.55 4.38 -3.81
CA ALA A 191 -20.72 3.11 -4.54
C ALA A 191 -21.51 3.13 -5.85
N ASN A 192 -20.78 3.01 -6.95
CA ASN A 192 -21.34 2.94 -8.30
C ASN A 192 -20.66 2.05 -9.32
N ILE A 193 -21.54 1.57 -10.16
CA ILE A 193 -21.20 1.05 -11.47
C ILE A 193 -21.97 1.79 -12.57
N GLY A 194 -21.26 2.40 -13.49
CA GLY A 194 -21.87 2.99 -14.69
C GLY A 194 -22.46 4.38 -14.49
N GLY A 195 -22.24 4.94 -13.32
CA GLY A 195 -22.71 6.30 -13.04
C GLY A 195 -23.92 6.25 -12.12
N VAL A 196 -24.44 5.04 -12.02
CA VAL A 196 -25.47 4.60 -11.06
C VAL A 196 -24.87 4.57 -9.64
N THR A 197 -25.56 3.96 -8.76
CA THR A 197 -25.32 4.08 -7.34
C THR A 197 -26.17 3.03 -6.66
N ILE A 198 -25.57 2.44 -5.70
CA ILE A 198 -26.24 1.29 -5.15
C ILE A 198 -26.96 1.63 -3.86
N ALA A 199 -28.26 1.63 -4.00
CA ALA A 199 -29.23 1.80 -2.92
C ALA A 199 -29.45 3.20 -2.35
N GLU A 200 -29.39 4.23 -3.16
CA GLU A 200 -30.15 5.39 -2.70
C GLU A 200 -31.46 5.58 -3.45
N TRP A 201 -31.38 5.48 -4.75
CA TRP A 201 -32.57 5.58 -5.59
C TRP A 201 -33.12 4.22 -6.00
N VAL A 202 -32.25 3.30 -6.40
CA VAL A 202 -32.71 2.02 -6.98
C VAL A 202 -32.85 0.80 -6.08
N LYS A 203 -31.85 0.49 -5.29
CA LYS A 203 -31.77 -0.85 -4.68
C LYS A 203 -32.15 -0.88 -3.20
N ALA A 204 -32.57 0.28 -2.74
CA ALA A 204 -33.20 0.52 -1.44
C ALA A 204 -32.38 0.27 -0.19
N HIS A 205 -31.90 1.40 0.28
CA HIS A 205 -31.59 1.72 1.67
C HIS A 205 -30.79 0.71 2.52
N PRO A 206 -31.33 0.19 3.62
CA PRO A 206 -30.55 -0.12 4.84
C PRO A 206 -29.62 -1.31 4.74
N GLU A 207 -28.72 -1.40 5.70
CA GLU A 207 -27.83 -2.55 5.81
C GLU A 207 -27.96 -3.34 7.13
N ILE A 208 -28.64 -4.48 7.05
CA ILE A 208 -28.93 -5.53 8.09
C ILE A 208 -30.41 -5.86 8.18
N LYS A 209 -31.22 -4.88 7.80
CA LYS A 209 -32.68 -4.99 7.81
C LYS A 209 -33.28 -5.15 6.43
N GLU A 210 -32.93 -6.22 5.73
CA GLU A 210 -33.48 -6.49 4.39
C GLU A 210 -33.25 -7.92 3.90
N ASP A 211 -32.13 -8.50 4.35
CA ASP A 211 -31.53 -9.83 4.08
C ASP A 211 -30.20 -9.79 3.34
N LYS A 212 -30.08 -8.90 2.37
CA LYS A 212 -29.07 -8.99 1.28
C LYS A 212 -27.61 -8.66 1.62
N LEU A 213 -27.30 -7.39 1.66
CA LEU A 213 -25.95 -6.77 1.63
C LEU A 213 -25.00 -7.07 2.79
N VAL A 214 -23.95 -6.26 2.88
CA VAL A 214 -22.95 -6.19 3.97
C VAL A 214 -22.05 -7.43 4.07
N LYS A 215 -22.72 -8.56 4.02
CA LYS A 215 -22.20 -9.92 4.06
C LYS A 215 -20.90 -10.07 3.30
N MET A 216 -20.84 -9.38 2.17
CA MET A 216 -19.70 -9.49 1.26
C MET A 216 -18.56 -8.53 1.51
N PHE A 217 -18.59 -7.88 2.66
CA PHE A 217 -17.42 -7.20 3.20
C PHE A 217 -17.05 -7.73 4.59
N GLU A 218 -18.04 -8.44 5.13
CA GLU A 218 -17.78 -9.40 6.21
C GLU A 218 -17.03 -10.62 5.66
N ASP A 219 -16.83 -10.59 4.36
CA ASP A 219 -15.81 -11.40 3.70
C ASP A 219 -14.94 -10.70 2.67
N VAL A 220 -14.80 -9.39 2.79
CA VAL A 220 -13.61 -8.72 2.20
C VAL A 220 -12.51 -8.51 3.23
N ARG A 221 -12.91 -8.13 4.43
CA ARG A 221 -11.94 -7.82 5.46
C ARG A 221 -11.45 -9.10 6.13
N ASP A 222 -12.30 -10.10 6.05
CA ASP A 222 -11.99 -11.47 6.46
C ASP A 222 -11.34 -12.25 5.32
N ALA A 223 -11.17 -11.58 4.20
CA ALA A 223 -10.67 -12.28 3.01
C ALA A 223 -9.15 -12.43 2.97
N ALA A 224 -8.50 -11.99 4.02
CA ALA A 224 -7.06 -12.25 4.10
C ALA A 224 -6.83 -13.61 4.75
N TYR A 225 -7.47 -13.75 5.89
CA TYR A 225 -7.42 -14.91 6.78
C TYR A 225 -7.76 -16.18 6.01
N GLU A 226 -8.73 -16.02 5.16
CA GLU A 226 -9.22 -17.12 4.34
C GLU A 226 -8.24 -17.53 3.24
N ILE A 227 -7.25 -16.69 3.02
CA ILE A 227 -6.07 -17.24 2.34
C ILE A 227 -4.77 -17.20 3.14
N ILE A 228 -4.94 -17.01 4.43
CA ILE A 228 -3.86 -17.31 5.38
C ILE A 228 -3.95 -18.76 5.81
N LYS A 229 -4.44 -19.51 4.84
CA LYS A 229 -4.46 -20.97 4.75
C LYS A 229 -3.64 -21.50 3.59
N LEU A 230 -4.25 -21.42 2.42
CA LEU A 230 -3.82 -22.14 1.22
C LEU A 230 -2.62 -21.49 0.55
N LYS A 231 -1.53 -21.65 1.29
CA LYS A 231 -0.17 -21.08 1.22
C LYS A 231 0.07 -20.19 2.44
N GLY A 232 -0.37 -18.97 2.29
CA GLY A 232 -0.45 -17.91 3.32
C GLY A 232 -0.56 -16.62 2.52
N ALA A 233 -0.48 -16.93 1.26
CA ALA A 233 -0.22 -16.07 0.12
C ALA A 233 -1.37 -15.11 -0.17
N THR A 234 -1.42 -14.14 0.68
CA THR A 234 -2.04 -12.88 0.34
C THR A 234 -0.93 -11.98 -0.21
N PHE A 235 -0.40 -12.50 -1.32
CA PHE A 235 0.91 -12.10 -1.89
C PHE A 235 0.92 -11.69 -3.36
N TYR A 236 -0.08 -12.13 -4.10
CA TYR A 236 -0.29 -11.67 -5.47
C TYR A 236 -1.04 -10.34 -5.49
N GLY A 237 -2.27 -10.40 -5.00
CA GLY A 237 -3.24 -9.30 -4.96
C GLY A 237 -2.61 -7.98 -4.53
N ILE A 238 -1.68 -8.09 -3.60
CA ILE A 238 -0.98 -6.93 -3.05
C ILE A 238 0.11 -6.43 -3.98
N ALA A 239 0.92 -7.35 -4.46
CA ALA A 239 2.07 -6.98 -5.29
C ALA A 239 1.61 -6.33 -6.58
N THR A 240 0.50 -6.85 -7.08
CA THR A 240 -0.12 -6.28 -8.26
C THR A 240 -0.74 -4.91 -7.99
N ALA A 241 -0.95 -4.63 -6.71
CA ALA A 241 -1.34 -3.28 -6.29
C ALA A 241 -0.16 -2.34 -6.09
N LEU A 242 0.92 -2.83 -5.49
CA LEU A 242 2.10 -1.99 -5.34
C LEU A 242 2.66 -1.59 -6.70
N ALA A 243 2.23 -2.29 -7.73
CA ALA A 243 2.59 -1.95 -9.11
C ALA A 243 1.75 -0.83 -9.70
N ARG A 244 0.44 -0.88 -9.51
CA ARG A 244 -0.47 0.21 -9.95
C ARG A 244 -0.03 1.50 -9.30
N ILE A 245 0.10 1.34 -8.01
CA ILE A 245 0.48 2.43 -7.14
C ILE A 245 1.84 2.94 -7.54
N SER A 246 2.73 2.02 -7.85
CA SER A 246 4.09 2.43 -8.17
C SER A 246 4.25 2.98 -9.55
N LYS A 247 3.36 2.60 -10.41
CA LYS A 247 3.48 3.08 -11.78
C LYS A 247 3.00 4.53 -11.78
N ALA A 248 2.03 4.77 -10.90
CA ALA A 248 1.34 6.07 -10.76
C ALA A 248 2.22 7.24 -10.33
N ILE A 249 2.87 7.06 -9.19
CA ILE A 249 4.00 7.92 -8.77
C ILE A 249 5.15 7.38 -9.57
N LEU A 250 5.96 8.22 -10.22
CA LEU A 250 7.02 7.79 -11.17
C LEU A 250 6.63 7.95 -12.64
N ASN A 251 5.45 7.49 -13.05
CA ASN A 251 5.02 7.80 -14.43
C ASN A 251 4.38 9.18 -14.53
N ASP A 252 4.07 9.71 -13.35
CA ASP A 252 3.55 11.05 -13.06
C ASP A 252 2.09 11.25 -13.49
N GLU A 253 1.28 10.28 -13.15
CA GLU A 253 -0.06 10.16 -13.74
C GLU A 253 -1.16 11.05 -13.19
N ASN A 254 -0.82 11.89 -12.20
CA ASN A 254 -1.78 12.67 -11.38
C ASN A 254 -3.10 11.93 -11.12
N ALA A 255 -2.88 10.74 -10.61
CA ALA A 255 -3.83 9.63 -10.49
C ALA A 255 -4.83 9.80 -9.35
N VAL A 256 -5.67 8.80 -9.19
CA VAL A 256 -6.52 8.66 -8.00
C VAL A 256 -6.44 7.27 -7.39
N LEU A 257 -6.06 7.24 -6.13
CA LEU A 257 -5.85 6.04 -5.31
C LEU A 257 -5.94 6.34 -3.82
N PRO A 258 -6.65 5.49 -3.14
CA PRO A 258 -6.56 5.35 -1.68
C PRO A 258 -5.23 4.75 -1.22
N LEU A 259 -4.59 5.47 -0.32
CA LEU A 259 -3.30 5.15 0.33
C LEU A 259 -2.95 6.11 1.45
N SER A 260 -2.88 5.58 2.66
CA SER A 260 -2.48 6.24 3.92
C SER A 260 -1.50 7.40 3.76
N VAL A 261 -2.08 8.58 3.78
CA VAL A 261 -1.49 9.86 3.35
C VAL A 261 -0.82 10.77 4.37
N TYR A 262 -1.59 11.31 5.34
CA TYR A 262 -1.19 12.17 6.51
C TYR A 262 -2.19 13.20 7.10
N MET A 263 -3.39 13.36 6.59
CA MET A 263 -4.54 14.00 7.33
C MET A 263 -4.30 15.28 8.13
N ASP A 264 -4.51 16.43 7.53
CA ASP A 264 -4.33 17.72 8.21
C ASP A 264 -5.63 18.37 8.66
N GLY A 265 -6.65 17.59 8.81
CA GLY A 265 -7.98 18.18 8.85
C GLY A 265 -8.54 18.13 7.43
N GLN A 266 -7.98 17.18 6.72
CA GLN A 266 -8.64 16.56 5.58
C GLN A 266 -9.47 15.39 6.08
N TYR A 267 -10.26 15.77 7.07
CA TYR A 267 -11.31 15.16 7.90
C TYR A 267 -11.36 15.95 9.20
N GLY A 268 -11.22 15.27 10.29
CA GLY A 268 -10.92 15.93 11.56
C GLY A 268 -10.15 15.01 12.49
N ILE A 269 -9.47 14.08 11.87
CA ILE A 269 -8.94 12.94 12.61
C ILE A 269 -7.53 13.20 13.12
N ASN A 270 -7.01 14.24 12.49
CA ASN A 270 -5.60 14.63 12.30
C ASN A 270 -4.48 14.15 13.23
N ASP A 271 -3.45 13.79 12.48
CA ASP A 271 -2.05 13.54 12.83
C ASP A 271 -1.66 12.09 13.06
N LEU A 272 -2.58 11.26 12.70
CA LEU A 272 -2.29 9.87 12.36
C LEU A 272 -1.81 9.75 10.92
N TYR A 273 -1.50 8.52 10.59
CA TYR A 273 -1.78 8.04 9.25
C TYR A 273 -2.92 7.04 9.37
N ILE A 274 -3.94 7.37 8.64
CA ILE A 274 -5.09 6.60 8.20
C ILE A 274 -5.34 7.16 6.80
N GLY A 275 -6.20 6.56 5.99
CA GLY A 275 -6.30 6.98 4.59
C GLY A 275 -7.64 6.77 3.90
N THR A 276 -7.57 7.27 2.67
CA THR A 276 -8.62 7.92 1.87
C THR A 276 -8.16 8.02 0.41
N PRO A 277 -9.09 8.17 -0.54
CA PRO A 277 -8.79 8.56 -1.93
C PRO A 277 -7.97 9.85 -2.02
N ALA A 278 -6.67 9.69 -2.23
CA ALA A 278 -5.75 10.81 -2.47
C ALA A 278 -5.16 10.77 -3.87
N VAL A 279 -4.34 11.76 -4.20
CA VAL A 279 -3.79 11.92 -5.56
C VAL A 279 -2.27 11.96 -5.61
N ILE A 280 -1.70 11.00 -6.31
CA ILE A 280 -0.26 10.77 -6.32
C ILE A 280 0.41 10.93 -7.69
N ASN A 281 1.54 11.65 -7.68
CA ASN A 281 2.42 11.93 -8.84
C ASN A 281 3.90 11.79 -8.50
N ARG A 282 4.81 11.96 -9.47
CA ARG A 282 6.24 11.63 -9.30
C ARG A 282 6.85 12.01 -7.96
N ASN A 283 6.63 13.25 -7.60
CA ASN A 283 7.17 13.95 -6.41
C ASN A 283 6.77 13.30 -5.11
N GLY A 284 5.53 12.88 -5.13
CA GLY A 284 4.80 12.42 -3.95
C GLY A 284 3.31 12.69 -4.09
N ILE A 285 2.60 12.68 -3.00
CA ILE A 285 1.17 12.99 -3.10
C ILE A 285 0.89 14.49 -3.13
N GLN A 286 -0.02 14.89 -3.98
CA GLN A 286 -0.48 16.28 -4.03
C GLN A 286 -1.99 16.34 -4.07
N ASN A 287 -2.57 16.58 -2.91
CA ASN A 287 -4.00 16.82 -2.65
C ASN A 287 -4.82 15.57 -2.39
N ILE A 288 -5.44 15.62 -1.23
CA ILE A 288 -6.20 14.54 -0.60
C ILE A 288 -7.71 14.82 -0.61
N LEU A 289 -8.43 14.08 -1.44
CA LEU A 289 -9.88 14.25 -1.63
C LEU A 289 -10.63 13.87 -0.35
N GLU A 290 -11.49 14.73 0.16
CA GLU A 290 -12.29 14.35 1.34
C GLU A 290 -13.80 14.26 1.10
N ILE A 291 -14.36 13.34 1.85
CA ILE A 291 -15.62 12.66 1.51
C ILE A 291 -16.75 12.93 2.50
N PRO A 292 -17.90 13.35 2.01
CA PRO A 292 -19.13 13.46 2.82
C PRO A 292 -19.54 12.07 3.27
N LEU A 293 -19.20 11.77 4.49
CA LEU A 293 -19.26 10.36 4.86
C LEU A 293 -20.61 9.81 5.26
N THR A 294 -21.50 10.78 5.37
CA THR A 294 -22.97 10.82 5.48
C THR A 294 -23.40 11.33 6.84
N ASP A 295 -23.34 10.41 7.77
CA ASP A 295 -23.44 10.56 9.21
C ASP A 295 -22.92 9.31 9.91
N HIS A 296 -23.05 8.17 9.24
CA HIS A 296 -22.50 6.92 9.80
C HIS A 296 -21.07 6.53 9.44
N GLU A 297 -20.75 6.69 8.18
CA GLU A 297 -19.37 6.45 7.73
C GLU A 297 -18.45 7.55 8.23
N GLU A 298 -19.06 8.60 8.78
CA GLU A 298 -18.31 9.61 9.52
C GLU A 298 -17.88 9.04 10.88
N GLU A 299 -18.84 8.42 11.55
CA GLU A 299 -18.57 7.74 12.82
C GLU A 299 -17.53 6.65 12.68
N SER A 300 -17.78 5.77 11.73
CA SER A 300 -16.94 4.59 11.50
C SER A 300 -15.48 4.96 11.26
N MET A 301 -15.32 6.07 10.57
CA MET A 301 -14.01 6.67 10.32
C MET A 301 -13.38 7.11 11.62
N GLN A 302 -14.19 7.86 12.34
CA GLN A 302 -13.80 8.56 13.55
C GLN A 302 -13.35 7.60 14.64
N LYS A 303 -13.84 6.38 14.54
CA LYS A 303 -13.50 5.32 15.49
C LYS A 303 -12.55 4.26 14.92
N SER A 304 -12.05 4.52 13.73
CA SER A 304 -10.89 3.78 13.22
C SER A 304 -9.64 4.48 13.70
N ALA A 305 -9.61 5.70 13.22
CA ALA A 305 -8.62 6.74 13.40
C ALA A 305 -8.38 7.10 14.87
N SER A 306 -9.08 6.44 15.75
CA SER A 306 -8.99 6.61 17.22
C SER A 306 -8.20 5.48 17.87
N GLN A 307 -8.38 4.32 17.25
CA GLN A 307 -7.82 3.02 17.63
C GLN A 307 -6.37 2.86 17.14
N LEU A 308 -6.04 3.71 16.18
CA LEU A 308 -4.69 4.28 16.02
C LEU A 308 -4.78 5.63 16.68
N LYS A 309 -3.77 6.05 17.38
CA LYS A 309 -3.72 7.19 18.31
C LYS A 309 -3.79 6.55 19.69
N LYS A 310 -3.97 5.24 19.62
CA LYS A 310 -3.59 4.42 20.77
C LYS A 310 -2.56 3.32 20.52
N VAL A 311 -2.51 2.81 19.31
CA VAL A 311 -1.33 1.99 18.97
C VAL A 311 -0.20 2.80 18.38
N LEU A 312 -0.51 4.03 18.13
CA LEU A 312 0.44 4.91 17.48
C LEU A 312 1.12 5.73 18.56
N THR A 313 0.44 5.80 19.66
CA THR A 313 0.89 6.57 20.81
C THR A 313 1.59 5.72 21.85
N ASP A 314 1.14 4.50 22.04
CA ASP A 314 1.82 3.67 23.03
C ASP A 314 3.16 3.15 22.55
N ALA A 315 3.51 3.51 21.32
CA ALA A 315 4.72 2.96 20.70
C ALA A 315 5.75 3.90 20.09
N PHE A 316 5.41 5.13 19.74
CA PHE A 316 6.46 5.97 19.15
C PHE A 316 7.38 6.56 20.22
N ALA A 317 8.16 5.64 20.78
CA ALA A 317 8.95 5.80 22.01
C ALA A 317 10.38 5.29 21.83
N LYS A 318 10.78 5.37 20.58
CA LYS A 318 12.06 4.92 20.01
C LYS A 318 13.33 5.05 20.85
N ASN A 319 13.86 3.89 21.02
CA ASN A 319 15.05 3.38 21.69
C ASN A 319 14.69 1.96 22.04
N ASP A 320 14.50 1.29 20.91
CA ASP A 320 14.17 -0.10 20.63
C ASP A 320 13.41 -0.87 21.71
N ILE A 321 14.05 -1.85 22.15
#